data_2SSP
#
_entry.id   2SSP
#
_cell.length_a   120.300
_cell.length_b   48.800
_cell.length_c   65.600
_cell.angle_alpha   90.00
_cell.angle_beta   90.00
_cell.angle_gamma   90.00
#
_symmetry.space_group_name_H-M   'P 21 21 2'
#
loop_
_entity.id
_entity.type
_entity.pdbx_description
1 polymer "DNA (5'-D(*CP*TP*GP*TP*(AAB)P*AP*TP*CP*TP*T)-3')"
2 polymer "DNA (5'-D(*AP*AP*AP*GP*AP*TP*AP*AP*CP*AP*G)-3')"
3 polymer 'PROTEIN (URACIL-DNA GLYCOSYLASE)'
4 water water
#
loop_
_entity_poly.entity_id
_entity_poly.type
_entity_poly.pdbx_seq_one_letter_code
_entity_poly.pdbx_strand_id
1 'polydeoxyribonucleotide' (DC)(DT)(DG)(DT)(AAB)(DA)(DT)(DC)(DT)(DT) A
2 'polydeoxyribonucleotide' (DA)(DA)(DA)(DG)(DA)(DT)(DA)(DA)(DC)(DA)(DG) B
3 'polypeptide(L)'
;MEFFGESWKKHLSGEFGKPYFIKLMGFVAEERKHYTVYPPPHQVFTWTQMCDIKDVKVVILGQDPYHGPNQAHGLCFSVQ
RPVPPPPSLENIYKELSTDIEDFVHPGHGDLSGWAKQGVLLLNAVLTVRAHQANSHKERGWEQFTDAVVSWLNQNSNGLV
FLLWGSYAQKKGSAIDRKRHHVLQTAHPSPASVYRGFFGCRHFSKTNELLQKSGKKPIDWKEL
;
E
#
loop_
_chem_comp.id
_chem_comp.type
_chem_comp.name
_chem_comp.formula
AAB DNA linking 2'-DEOXY-RIBOFURANOSE-5'-MONOPHOSPHATE 'C5 H11 O7 P'
DA DNA linking 2'-DEOXYADENOSINE-5'-MONOPHOSPHATE 'C10 H14 N5 O6 P'
DC DNA linking 2'-DEOXYCYTIDINE-5'-MONOPHOSPHATE 'C9 H14 N3 O7 P'
DG DNA linking 2'-DEOXYGUANOSINE-5'-MONOPHOSPHATE 'C10 H14 N5 O7 P'
DT DNA linking THYMIDINE-5'-MONOPHOSPHATE 'C10 H15 N2 O8 P'
#
# COMPACT_ATOMS: atom_id res chain seq x y z
P AAB A 5 -7.35 11.61 4.97
O2P AAB A 5 -8.73 11.36 5.40
O3P AAB A 5 -6.96 11.37 3.56
O5' AAB A 5 -6.38 10.76 5.90
C5' AAB A 5 -4.97 10.94 5.86
C4' AAB A 5 -4.32 10.13 6.96
O4' AAB A 5 -4.70 8.74 6.80
C1' AAB A 5 -3.59 7.91 6.56
O1' AAB A 5 -3.79 7.41 5.23
C2' AAB A 5 -2.35 8.77 6.57
C3' AAB A 5 -2.80 10.16 6.96
O3' AAB A 5 -2.30 10.59 8.22
N MET C 1 -9.84 -20.76 1.16
CA MET C 1 -10.25 -19.37 0.88
C MET C 1 -10.24 -18.63 2.20
N GLU C 2 -9.45 -17.58 2.34
CA GLU C 2 -9.47 -16.84 3.60
C GLU C 2 -8.81 -15.48 3.53
N PHE C 3 -8.15 -15.03 4.60
CA PHE C 3 -7.56 -13.69 4.66
C PHE C 3 -6.34 -13.40 3.78
N PHE C 4 -5.41 -14.34 3.77
CA PHE C 4 -4.21 -14.23 2.97
C PHE C 4 -4.43 -14.93 1.63
N GLY C 5 -4.04 -14.30 0.53
CA GLY C 5 -4.16 -14.95 -0.75
C GLY C 5 -3.17 -16.10 -0.70
N GLU C 6 -3.45 -17.16 -1.44
CA GLU C 6 -2.59 -18.34 -1.42
C GLU C 6 -1.10 -18.15 -1.62
N SER C 7 -0.72 -17.43 -2.67
CA SER C 7 0.70 -17.22 -2.98
C SER C 7 1.43 -16.48 -1.88
N TRP C 8 0.78 -15.46 -1.35
CA TRP C 8 1.35 -14.63 -0.29
C TRP C 8 1.50 -15.45 0.98
N LYS C 9 0.48 -16.23 1.32
CA LYS C 9 0.52 -17.07 2.51
C LYS C 9 1.69 -18.06 2.37
N LYS C 10 1.84 -18.59 1.17
CA LYS C 10 2.89 -19.54 0.87
C LYS C 10 4.29 -18.96 1.03
N HIS C 11 4.42 -17.65 0.92
CA HIS C 11 5.73 -17.02 1.03
C HIS C 11 5.98 -16.20 2.27
N LEU C 12 4.93 -15.98 3.06
CA LEU C 12 5.00 -15.20 4.28
C LEU C 12 4.64 -15.94 5.57
N SER C 13 4.03 -17.12 5.44
CA SER C 13 3.61 -17.90 6.60
C SER C 13 4.71 -18.11 7.63
N GLY C 14 5.96 -18.05 7.20
CA GLY C 14 7.08 -18.20 8.13
C GLY C 14 7.08 -17.17 9.25
N GLU C 15 6.45 -16.02 9.00
CA GLU C 15 6.38 -14.96 9.98
C GLU C 15 5.37 -15.31 11.05
N PHE C 16 4.39 -16.13 10.69
CA PHE C 16 3.30 -16.52 11.61
C PHE C 16 3.74 -17.04 12.96
N GLY C 17 4.76 -17.89 12.99
CA GLY C 17 5.23 -18.47 14.23
C GLY C 17 6.25 -17.65 15.02
N LYS C 18 6.75 -16.57 14.44
CA LYS C 18 7.73 -15.74 15.10
C LYS C 18 7.09 -14.99 16.25
N PRO C 19 7.80 -14.89 17.39
CA PRO C 19 7.26 -14.17 18.55
C PRO C 19 6.69 -12.79 18.27
N TYR C 20 7.36 -11.99 17.43
CA TYR C 20 6.87 -10.63 17.20
C TYR C 20 5.49 -10.60 16.56
N PHE C 21 5.20 -11.61 15.74
CA PHE C 21 3.91 -11.67 15.06
C PHE C 21 2.82 -12.17 16.00
N ILE C 22 3.15 -13.18 16.81
CA ILE C 22 2.22 -13.70 17.77
C ILE C 22 1.88 -12.58 18.75
N LYS C 23 2.89 -11.79 19.11
CA LYS C 23 2.65 -10.66 20.00
C LYS C 23 1.83 -9.54 19.30
N LEU C 24 2.18 -9.25 18.04
CA LEU C 24 1.50 -8.23 17.24
C LEU C 24 0.02 -8.53 17.16
N MET C 25 -0.32 -9.72 16.66
CA MET C 25 -1.73 -10.11 16.54
C MET C 25 -2.46 -10.09 17.87
N GLY C 26 -1.72 -10.34 18.96
CA GLY C 26 -2.29 -10.32 20.30
C GLY C 26 -2.67 -8.91 20.69
N PHE C 27 -1.80 -7.96 20.32
CA PHE C 27 -2.01 -6.53 20.59
C PHE C 27 -3.26 -6.03 19.85
N VAL C 28 -3.35 -6.33 18.56
CA VAL C 28 -4.47 -5.90 17.73
C VAL C 28 -5.79 -6.44 18.26
N ALA C 29 -5.76 -7.69 18.73
CA ALA C 29 -6.93 -8.35 19.29
C ALA C 29 -7.39 -7.67 20.57
N GLU C 30 -6.44 -7.28 21.41
CA GLU C 30 -6.74 -6.61 22.67
C GLU C 30 -7.29 -5.20 22.39
N GLU C 31 -6.68 -4.52 21.43
CA GLU C 31 -7.12 -3.20 21.03
C GLU C 31 -8.57 -3.27 20.53
N ARG C 32 -8.86 -4.24 19.66
CA ARG C 32 -10.20 -4.40 19.10
C ARG C 32 -11.27 -4.63 20.13
N LYS C 33 -10.87 -5.07 21.32
CA LYS C 33 -11.80 -5.33 22.39
C LYS C 33 -12.12 -4.03 23.10
N HIS C 34 -11.20 -3.07 23.05
CA HIS C 34 -11.41 -1.82 23.75
C HIS C 34 -11.69 -0.61 22.88
N TYR C 35 -11.37 -0.71 21.59
CA TYR C 35 -11.59 0.38 20.66
C TYR C 35 -12.00 -0.21 19.32
N THR C 36 -12.31 0.66 18.38
CA THR C 36 -12.65 0.25 17.04
C THR C 36 -11.33 0.38 16.33
N VAL C 37 -10.93 -0.69 15.64
CA VAL C 37 -9.67 -0.74 14.90
C VAL C 37 -10.01 -0.89 13.41
N TYR C 38 -9.29 -0.18 12.56
CA TYR C 38 -9.51 -0.27 11.12
C TYR C 38 -8.24 -0.82 10.49
N PRO C 39 -8.37 -1.67 9.47
CA PRO C 39 -9.66 -2.12 8.93
C PRO C 39 -10.20 -3.35 9.66
N PRO C 40 -11.44 -3.76 9.33
CA PRO C 40 -12.05 -4.95 9.97
C PRO C 40 -11.10 -6.14 9.82
N PRO C 41 -11.23 -7.13 10.70
CA PRO C 41 -10.38 -8.33 10.67
C PRO C 41 -10.15 -8.93 9.27
N HIS C 42 -11.25 -9.29 8.62
CA HIS C 42 -11.20 -9.89 7.30
C HIS C 42 -10.66 -9.00 6.19
N GLN C 43 -10.39 -7.73 6.49
CA GLN C 43 -9.89 -6.78 5.49
C GLN C 43 -8.47 -6.24 5.70
N VAL C 44 -7.80 -6.69 6.75
CA VAL C 44 -6.43 -6.28 7.03
C VAL C 44 -5.44 -6.75 5.95
N PHE C 45 -5.73 -7.90 5.35
CA PHE C 45 -4.85 -8.47 4.34
C PHE C 45 -5.42 -8.51 2.91
N THR C 46 -6.32 -7.57 2.60
CA THR C 46 -6.91 -7.50 1.26
C THR C 46 -5.81 -7.44 0.19
N TRP C 47 -4.72 -6.78 0.54
CA TRP C 47 -3.58 -6.59 -0.37
C TRP C 47 -2.89 -7.87 -0.83
N THR C 48 -3.32 -9.03 -0.30
CA THR C 48 -2.75 -10.29 -0.74
C THR C 48 -3.79 -10.99 -1.64
N GLN C 49 -4.96 -10.38 -1.73
CA GLN C 49 -6.06 -10.95 -2.49
C GLN C 49 -6.24 -10.49 -3.93
N MET C 50 -5.50 -9.47 -4.34
CA MET C 50 -5.68 -8.91 -5.67
C MET C 50 -4.93 -9.53 -6.83
N CYS C 51 -3.79 -10.14 -6.56
CA CYS C 51 -3.00 -10.77 -7.61
C CYS C 51 -1.98 -11.65 -6.95
N ASP C 52 -1.40 -12.55 -7.73
CA ASP C 52 -0.38 -13.47 -7.27
C ASP C 52 0.84 -12.66 -6.90
N ILE C 53 1.55 -13.08 -5.86
CA ILE C 53 2.74 -12.36 -5.39
C ILE C 53 3.83 -12.28 -6.44
N LYS C 54 3.90 -13.27 -7.32
CA LYS C 54 4.92 -13.25 -8.37
C LYS C 54 4.55 -12.33 -9.53
N ASP C 55 3.36 -11.73 -9.47
CA ASP C 55 2.88 -10.81 -10.50
C ASP C 55 2.96 -9.34 -10.07
N VAL C 56 3.41 -9.07 -8.85
CA VAL C 56 3.54 -7.68 -8.43
C VAL C 56 4.61 -7.05 -9.32
N LYS C 57 4.40 -5.79 -9.68
CA LYS C 57 5.31 -5.07 -10.54
C LYS C 57 5.64 -3.71 -9.96
N VAL C 58 4.70 -3.16 -9.21
CA VAL C 58 4.85 -1.84 -8.61
C VAL C 58 4.36 -1.99 -7.18
N VAL C 59 4.94 -1.21 -6.27
CA VAL C 59 4.52 -1.26 -4.88
C VAL C 59 4.33 0.16 -4.39
N ILE C 60 3.09 0.54 -4.11
CA ILE C 60 2.84 1.86 -3.60
C ILE C 60 2.77 1.60 -2.11
N LEU C 61 3.62 2.31 -1.37
CA LEU C 61 3.73 2.18 0.09
C LEU C 61 3.26 3.41 0.83
N GLY C 62 2.29 3.21 1.72
CA GLY C 62 1.76 4.30 2.52
C GLY C 62 2.23 4.20 3.97
N GLN C 63 1.60 4.98 4.84
CA GLN C 63 1.95 5.01 6.27
C GLN C 63 1.15 4.01 7.12
N ASP C 64 -0.16 4.18 7.17
CA ASP C 64 -1.05 3.31 7.93
C ASP C 64 -2.45 3.54 7.35
N PRO C 65 -3.44 2.69 7.73
CA PRO C 65 -4.81 2.80 7.22
C PRO C 65 -5.57 4.09 7.57
N TYR C 66 -6.60 4.39 6.76
CA TYR C 66 -7.45 5.55 7.02
C TYR C 66 -8.05 5.22 8.38
N HIS C 67 -8.17 6.21 9.25
CA HIS C 67 -8.72 6.01 10.60
C HIS C 67 -10.13 6.52 10.81
N GLY C 68 -10.86 6.77 9.72
CA GLY C 68 -12.23 7.22 9.82
C GLY C 68 -13.15 6.03 9.63
N PRO C 69 -14.41 6.09 10.11
CA PRO C 69 -15.32 4.96 9.94
C PRO C 69 -15.48 4.52 8.49
N ASN C 70 -15.31 3.21 8.35
CA ASN C 70 -15.34 2.45 7.11
C ASN C 70 -14.71 2.99 5.84
N GLN C 71 -13.46 3.42 5.99
CA GLN C 71 -12.68 3.91 4.87
C GLN C 71 -11.71 2.79 4.51
N ALA C 72 -10.79 2.49 5.42
CA ALA C 72 -9.79 1.47 5.18
C ALA C 72 -10.36 0.09 4.89
N HIS C 73 -9.74 -0.61 3.96
CA HIS C 73 -10.19 -1.95 3.61
C HIS C 73 -9.06 -2.85 3.13
N GLY C 74 -7.82 -2.55 3.53
CA GLY C 74 -6.69 -3.39 3.16
C GLY C 74 -5.79 -2.92 2.04
N LEU C 75 -6.32 -2.10 1.14
CA LEU C 75 -5.54 -1.59 0.02
C LEU C 75 -5.26 -0.13 0.37
N CYS C 76 -4.00 0.27 0.36
CA CYS C 76 -3.64 1.64 0.72
C CYS C 76 -4.30 2.71 -0.16
N PHE C 77 -4.84 3.72 0.50
CA PHE C 77 -5.50 4.86 -0.15
C PHE C 77 -6.88 4.59 -0.76
N SER C 78 -7.26 3.32 -0.83
CA SER C 78 -8.54 2.89 -1.39
C SER C 78 -9.73 2.89 -0.42
N VAL C 79 -10.93 3.15 -0.94
CA VAL C 79 -12.17 3.12 -0.16
C VAL C 79 -13.22 2.46 -1.06
N GLN C 80 -13.98 1.52 -0.51
CA GLN C 80 -15.00 0.81 -1.27
C GLN C 80 -16.25 1.65 -1.46
N ARG C 81 -16.97 1.39 -2.54
CA ARG C 81 -18.21 2.11 -2.77
C ARG C 81 -19.10 1.74 -1.59
N PRO C 82 -19.97 2.65 -1.16
CA PRO C 82 -20.25 4.01 -1.64
C PRO C 82 -19.44 5.10 -0.95
N VAL C 83 -18.38 4.73 -0.24
CA VAL C 83 -17.56 5.71 0.47
C VAL C 83 -16.84 6.62 -0.52
N PRO C 84 -16.99 7.95 -0.35
CA PRO C 84 -16.33 8.91 -1.24
C PRO C 84 -14.84 8.98 -0.99
N PRO C 85 -14.06 9.22 -2.04
CA PRO C 85 -12.60 9.31 -1.89
C PRO C 85 -12.20 10.27 -0.75
N PRO C 86 -11.31 9.83 0.17
CA PRO C 86 -10.89 10.72 1.26
C PRO C 86 -9.96 11.75 0.67
N PRO C 87 -9.66 12.82 1.43
CA PRO C 87 -8.76 13.86 0.92
C PRO C 87 -7.45 13.36 0.26
N SER C 88 -6.73 12.46 0.92
CA SER C 88 -5.51 11.95 0.34
C SER C 88 -5.75 11.41 -1.07
N LEU C 89 -6.81 10.62 -1.26
CA LEU C 89 -7.12 10.02 -2.56
C LEU C 89 -7.52 11.05 -3.61
N GLU C 90 -8.25 12.07 -3.18
CA GLU C 90 -8.62 13.12 -4.10
C GLU C 90 -7.33 13.81 -4.60
N ASN C 91 -6.30 13.84 -3.74
CA ASN C 91 -5.03 14.43 -4.12
C ASN C 91 -4.28 13.51 -5.07
N ILE C 92 -4.42 12.20 -4.89
CA ILE C 92 -3.77 11.21 -5.76
C ILE C 92 -4.38 11.35 -7.16
N TYR C 93 -5.70 11.46 -7.21
CA TYR C 93 -6.44 11.65 -8.45
C TYR C 93 -6.03 12.97 -9.16
N LYS C 94 -5.87 14.04 -8.37
CA LYS C 94 -5.43 15.35 -8.89
C LYS C 94 -4.04 15.20 -9.52
N GLU C 95 -3.17 14.46 -8.86
CA GLU C 95 -1.82 14.26 -9.38
C GLU C 95 -1.93 13.44 -10.65
N LEU C 96 -2.79 12.41 -10.62
CA LEU C 96 -2.99 11.55 -11.76
C LEU C 96 -3.49 12.30 -12.99
N SER C 97 -4.36 13.28 -12.78
CA SER C 97 -4.91 14.05 -13.88
C SER C 97 -3.90 14.90 -14.66
N THR C 98 -2.99 15.56 -13.96
CA THR C 98 -1.97 16.36 -14.63
C THR C 98 -0.80 15.48 -15.09
N ASP C 99 -0.61 14.34 -14.44
CA ASP C 99 0.48 13.44 -14.79
C ASP C 99 0.12 12.56 -15.99
N ILE C 100 -1.11 12.07 -15.97
CA ILE C 100 -1.62 11.19 -17.01
C ILE C 100 -2.73 11.91 -17.78
N GLU C 101 -2.44 12.15 -19.06
CA GLU C 101 -3.32 12.84 -19.99
C GLU C 101 -4.75 12.32 -20.01
N ASP C 102 -4.92 11.01 -20.20
CA ASP C 102 -6.22 10.41 -20.27
C ASP C 102 -6.92 10.09 -18.96
N PHE C 103 -6.24 10.25 -17.85
CA PHE C 103 -6.87 9.94 -16.59
C PHE C 103 -7.95 10.97 -16.24
N VAL C 104 -9.07 10.45 -15.76
CA VAL C 104 -10.18 11.27 -15.35
C VAL C 104 -10.70 10.63 -14.04
N HIS C 105 -11.06 11.47 -13.07
CA HIS C 105 -11.57 11.00 -11.78
C HIS C 105 -12.61 9.89 -12.01
N PRO C 106 -12.34 8.67 -11.54
CA PRO C 106 -13.21 7.49 -11.69
C PRO C 106 -14.61 7.52 -11.09
N GLY C 107 -14.91 8.53 -10.29
CA GLY C 107 -16.22 8.64 -9.67
C GLY C 107 -16.41 7.75 -8.45
N HIS C 108 -15.30 7.20 -7.95
CA HIS C 108 -15.30 6.33 -6.78
C HIS C 108 -13.86 6.24 -6.26
N GLY C 109 -13.65 5.65 -5.08
CA GLY C 109 -12.31 5.55 -4.53
C GLY C 109 -11.72 4.15 -4.41
N ASP C 110 -12.33 3.19 -5.10
CA ASP C 110 -11.89 1.80 -5.07
C ASP C 110 -10.72 1.54 -6.04
N LEU C 111 -9.56 1.20 -5.47
CA LEU C 111 -8.34 0.98 -6.25
C LEU C 111 -8.00 -0.48 -6.58
N SER C 112 -8.98 -1.36 -6.43
CA SER C 112 -8.77 -2.78 -6.75
C SER C 112 -8.29 -2.93 -8.18
N GLY C 113 -8.69 -2.00 -9.04
CA GLY C 113 -8.27 -2.05 -10.44
C GLY C 113 -6.76 -2.00 -10.59
N TRP C 114 -6.10 -1.18 -9.77
CA TRP C 114 -4.63 -1.08 -9.83
C TRP C 114 -4.03 -2.35 -9.28
N ALA C 115 -4.51 -2.73 -8.10
CA ALA C 115 -4.03 -3.93 -7.38
C ALA C 115 -4.07 -5.20 -8.24
N LYS C 116 -5.15 -5.34 -9.01
CA LYS C 116 -5.36 -6.49 -9.89
C LYS C 116 -4.38 -6.46 -11.05
N GLN C 117 -3.84 -5.29 -11.36
CA GLN C 117 -2.88 -5.18 -12.45
C GLN C 117 -1.47 -5.43 -11.96
N GLY C 118 -1.31 -5.71 -10.68
CA GLY C 118 0.01 -5.98 -10.15
C GLY C 118 0.59 -4.88 -9.30
N VAL C 119 -0.23 -3.95 -8.84
CA VAL C 119 0.26 -2.88 -7.98
C VAL C 119 -0.05 -3.24 -6.50
N LEU C 120 0.99 -3.53 -5.73
CA LEU C 120 0.78 -3.85 -4.33
C LEU C 120 0.45 -2.54 -3.59
N LEU C 121 -0.73 -2.48 -3.00
CA LEU C 121 -1.16 -1.30 -2.25
C LEU C 121 -1.00 -1.57 -0.73
N LEU C 122 0.24 -1.47 -0.27
CA LEU C 122 0.63 -1.74 1.10
C LEU C 122 0.83 -0.48 1.95
N ASN C 123 0.67 -0.61 3.27
CA ASN C 123 0.94 0.51 4.18
C ASN C 123 2.04 -0.07 5.09
N ALA C 124 2.90 0.77 5.65
CA ALA C 124 3.95 0.29 6.56
C ALA C 124 3.37 -0.41 7.80
N VAL C 125 2.24 0.11 8.27
CA VAL C 125 1.52 -0.42 9.42
C VAL C 125 0.13 -0.79 8.90
N LEU C 126 -0.36 -1.97 9.27
CA LEU C 126 -1.63 -2.47 8.76
C LEU C 126 -2.93 -2.33 9.55
N THR C 127 -2.87 -1.77 10.76
CA THR C 127 -4.08 -1.53 11.53
C THR C 127 -3.91 -0.18 12.19
N VAL C 128 -5.01 0.45 12.57
CA VAL C 128 -4.97 1.75 13.22
C VAL C 128 -6.15 1.86 14.16
N ARG C 129 -5.95 2.53 15.29
CA ARG C 129 -7.03 2.72 16.23
C ARG C 129 -7.83 3.88 15.68
N ALA C 130 -9.15 3.75 15.74
CA ALA C 130 -10.05 4.78 15.24
C ALA C 130 -9.62 6.20 15.63
N HIS C 131 -9.66 7.10 14.66
CA HIS C 131 -9.36 8.52 14.88
C HIS C 131 -7.95 8.87 15.32
N GLN C 132 -7.04 7.89 15.37
CA GLN C 132 -5.68 8.16 15.82
C GLN C 132 -4.67 7.66 14.81
N ALA C 133 -4.23 8.56 13.94
CA ALA C 133 -3.28 8.22 12.88
C ALA C 133 -1.99 7.63 13.44
N ASN C 134 -1.55 6.54 12.83
CA ASN C 134 -0.31 5.86 13.18
C ASN C 134 -0.29 5.36 14.63
N SER C 135 -1.48 5.11 15.18
CA SER C 135 -1.53 4.63 16.54
C SER C 135 -0.93 3.22 16.71
N HIS C 136 -0.87 2.43 15.64
CA HIS C 136 -0.33 1.08 15.78
C HIS C 136 1.07 0.85 15.26
N LYS C 137 1.84 1.91 15.20
CA LYS C 137 3.22 1.84 14.74
C LYS C 137 4.08 1.30 15.87
N GLU C 138 5.18 0.64 15.49
CA GLU C 138 6.12 0.11 16.46
C GLU C 138 5.56 -0.95 17.38
N ARG C 139 4.60 -1.72 16.87
CA ARG C 139 4.00 -2.80 17.61
C ARG C 139 4.35 -4.13 16.97
N GLY C 140 4.98 -4.06 15.79
CA GLY C 140 5.37 -5.26 15.08
C GLY C 140 4.97 -5.27 13.62
N TRP C 141 4.12 -4.33 13.21
CA TRP C 141 3.70 -4.30 11.81
C TRP C 141 4.82 -4.04 10.81
N GLU C 142 5.72 -3.11 11.15
CA GLU C 142 6.85 -2.73 10.31
C GLU C 142 7.75 -3.94 10.00
N GLN C 143 8.01 -4.77 11.00
CA GLN C 143 8.81 -5.96 10.77
C GLN C 143 8.09 -6.92 9.82
N PHE C 144 6.76 -6.99 9.91
CA PHE C 144 6.02 -7.90 9.03
C PHE C 144 6.04 -7.38 7.60
N THR C 145 5.89 -6.07 7.45
CA THR C 145 5.89 -5.44 6.16
C THR C 145 7.30 -5.40 5.58
N ASP C 146 8.30 -5.48 6.46
CA ASP C 146 9.70 -5.53 6.03
C ASP C 146 9.85 -6.87 5.35
N ALA C 147 9.24 -7.90 5.92
CA ALA C 147 9.30 -9.24 5.33
C ALA C 147 8.71 -9.24 3.91
N VAL C 148 7.57 -8.56 3.75
CA VAL C 148 6.91 -8.48 2.43
C VAL C 148 7.86 -7.82 1.43
N VAL C 149 8.30 -6.62 1.75
CA VAL C 149 9.21 -5.87 0.89
C VAL C 149 10.48 -6.66 0.57
N SER C 150 11.01 -7.31 1.60
CA SER C 150 12.21 -8.10 1.47
C SER C 150 12.03 -9.29 0.52
N TRP C 151 10.88 -9.95 0.56
CA TRP C 151 10.65 -11.08 -0.33
C TRP C 151 10.64 -10.60 -1.79
N LEU C 152 9.96 -9.49 -2.03
CA LEU C 152 9.85 -8.91 -3.36
C LEU C 152 11.21 -8.46 -3.86
N ASN C 153 11.95 -7.78 -3.01
CA ASN C 153 13.28 -7.30 -3.38
C ASN C 153 14.20 -8.46 -3.81
N GLN C 154 14.17 -9.52 -3.03
CA GLN C 154 15.00 -10.67 -3.25
C GLN C 154 14.54 -11.65 -4.31
N ASN C 155 13.23 -11.74 -4.52
CA ASN C 155 12.68 -12.71 -5.47
C ASN C 155 12.09 -12.14 -6.74
N SER C 156 12.05 -10.84 -6.88
CA SER C 156 11.51 -10.22 -8.07
C SER C 156 12.62 -9.41 -8.72
N ASN C 157 12.32 -8.77 -9.84
CA ASN C 157 13.31 -7.97 -10.54
C ASN C 157 12.68 -6.81 -11.30
N GLY C 158 13.34 -5.66 -11.26
CA GLY C 158 12.81 -4.49 -11.94
C GLY C 158 11.49 -3.92 -11.44
N LEU C 159 11.20 -4.15 -10.17
CA LEU C 159 9.98 -3.63 -9.53
C LEU C 159 10.11 -2.13 -9.34
N VAL C 160 8.99 -1.42 -9.28
CA VAL C 160 9.00 0.01 -9.06
C VAL C 160 8.38 0.25 -7.67
N PHE C 161 9.20 0.65 -6.70
CA PHE C 161 8.70 0.94 -5.37
C PHE C 161 8.41 2.43 -5.28
N LEU C 162 7.24 2.77 -4.76
CA LEU C 162 6.79 4.15 -4.60
C LEU C 162 6.57 4.39 -3.10
N LEU C 163 7.48 5.14 -2.48
CA LEU C 163 7.41 5.43 -1.04
C LEU C 163 6.80 6.81 -0.77
N TRP C 164 5.58 6.80 -0.20
CA TRP C 164 4.85 8.02 0.08
C TRP C 164 4.76 8.34 1.56
N GLY C 165 5.61 9.27 2.00
CA GLY C 165 5.63 9.70 3.39
C GLY C 165 6.85 9.18 4.11
N SER C 166 7.19 9.83 5.22
CA SER C 166 8.34 9.46 6.02
C SER C 166 8.35 8.01 6.53
N TYR C 167 7.20 7.52 6.98
CA TYR C 167 7.19 6.16 7.48
C TYR C 167 7.40 5.08 6.42
N ALA C 168 6.77 5.25 5.26
CA ALA C 168 6.94 4.33 4.15
C ALA C 168 8.40 4.38 3.69
N GLN C 169 8.98 5.58 3.67
CA GLN C 169 10.36 5.75 3.24
C GLN C 169 11.37 5.01 4.11
N LYS C 170 10.96 4.64 5.32
CA LYS C 170 11.85 3.90 6.20
C LYS C 170 12.19 2.56 5.56
N LYS C 171 11.33 2.08 4.67
CA LYS C 171 11.58 0.81 3.98
C LYS C 171 12.70 0.92 2.93
N GLY C 172 13.07 2.16 2.60
CA GLY C 172 14.11 2.39 1.61
C GLY C 172 15.36 1.54 1.75
N SER C 173 15.84 1.35 2.97
CA SER C 173 17.04 0.56 3.26
C SER C 173 17.01 -0.85 2.70
N ALA C 174 15.85 -1.47 2.77
CA ALA C 174 15.62 -2.85 2.34
C ALA C 174 15.52 -3.12 0.85
N ILE C 175 15.65 -2.08 0.03
CA ILE C 175 15.52 -2.26 -1.42
C ILE C 175 16.82 -2.04 -2.17
N ASP C 176 17.22 -3.04 -2.95
CA ASP C 176 18.45 -2.93 -3.76
C ASP C 176 18.14 -1.83 -4.76
N ARG C 177 18.77 -0.67 -4.57
CA ARG C 177 18.53 0.49 -5.41
C ARG C 177 18.99 0.36 -6.85
N LYS C 178 19.80 -0.66 -7.12
CA LYS C 178 20.28 -0.85 -8.48
C LYS C 178 19.52 -1.99 -9.15
N ARG C 179 18.87 -2.83 -8.33
CA ARG C 179 18.06 -3.94 -8.83
C ARG C 179 16.59 -3.53 -9.02
N HIS C 180 16.17 -2.50 -8.29
CA HIS C 180 14.80 -2.00 -8.36
C HIS C 180 14.85 -0.49 -8.40
N HIS C 181 13.70 0.12 -8.68
CA HIS C 181 13.59 1.56 -8.73
C HIS C 181 12.78 2.02 -7.54
N VAL C 182 13.31 2.97 -6.78
CA VAL C 182 12.61 3.48 -5.63
C VAL C 182 12.38 4.97 -5.82
N LEU C 183 11.11 5.37 -5.81
CA LEU C 183 10.71 6.77 -5.97
C LEU C 183 10.11 7.12 -4.61
N GLN C 184 10.46 8.30 -4.10
CA GLN C 184 10.01 8.70 -2.78
C GLN C 184 9.48 10.12 -2.80
N THR C 185 8.38 10.36 -2.08
CA THR C 185 7.79 11.69 -2.03
C THR C 185 6.92 11.82 -0.78
N ALA C 186 6.35 12.99 -0.59
CA ALA C 186 5.50 13.25 0.55
C ALA C 186 4.18 12.48 0.47
N HIS C 187 3.56 12.27 1.62
CA HIS C 187 2.30 11.57 1.70
C HIS C 187 1.27 12.45 0.99
N PRO C 188 0.39 11.85 0.18
CA PRO C 188 -0.63 12.64 -0.53
C PRO C 188 -1.67 13.37 0.37
N SER C 189 -1.61 13.14 1.67
CA SER C 189 -2.55 13.77 2.62
C SER C 189 -2.46 15.29 2.44
N PRO C 190 -3.60 16.00 2.56
CA PRO C 190 -3.56 17.46 2.40
C PRO C 190 -2.50 18.12 3.29
N ALA C 191 -2.27 17.52 4.46
CA ALA C 191 -1.31 18.05 5.41
C ALA C 191 0.14 17.97 4.95
N SER C 192 0.42 17.17 3.92
CA SER C 192 1.79 17.01 3.45
C SER C 192 2.00 17.04 1.94
N VAL C 193 0.92 16.91 1.19
CA VAL C 193 0.98 16.85 -0.27
C VAL C 193 1.80 17.96 -0.93
N TYR C 194 1.72 19.16 -0.37
CA TYR C 194 2.44 20.34 -0.88
C TYR C 194 3.96 20.21 -0.72
N ARG C 195 4.40 19.10 -0.13
CA ARG C 195 5.81 18.87 0.08
C ARG C 195 6.44 18.01 -1.00
N GLY C 196 5.88 18.02 -2.21
CA GLY C 196 6.48 17.23 -3.26
C GLY C 196 5.60 16.28 -4.04
N PHE C 197 4.53 15.81 -3.40
CA PHE C 197 3.63 14.87 -4.05
C PHE C 197 3.03 15.49 -5.30
N PHE C 198 2.44 16.67 -5.12
CA PHE C 198 1.85 17.38 -6.25
C PHE C 198 3.01 17.76 -7.14
N GLY C 199 3.12 17.07 -8.26
CA GLY C 199 4.18 17.35 -9.20
C GLY C 199 5.21 16.25 -9.26
N CYS C 200 5.03 15.18 -8.46
CA CYS C 200 6.00 14.08 -8.46
C CYS C 200 6.03 13.22 -9.74
N ARG C 201 4.90 13.16 -10.45
CA ARG C 201 4.79 12.39 -11.70
C ARG C 201 5.21 10.94 -11.53
N HIS C 202 4.89 10.38 -10.37
CA HIS C 202 5.25 9.01 -10.06
C HIS C 202 4.55 7.97 -10.93
N PHE C 203 3.35 8.31 -11.39
CA PHE C 203 2.55 7.40 -12.20
C PHE C 203 3.08 7.20 -13.61
N SER C 204 3.45 8.30 -14.26
CA SER C 204 4.03 8.25 -15.60
C SER C 204 5.45 7.68 -15.51
N LYS C 205 6.18 8.12 -14.49
CA LYS C 205 7.54 7.65 -14.29
C LYS C 205 7.56 6.14 -14.11
N THR C 206 6.59 5.61 -13.37
CA THR C 206 6.50 4.17 -13.13
C THR C 206 6.38 3.42 -14.45
N ASN C 207 5.48 3.91 -15.30
CA ASN C 207 5.26 3.32 -16.62
C ASN C 207 6.48 3.38 -17.53
N GLU C 208 7.22 4.48 -17.49
CA GLU C 208 8.43 4.63 -18.29
C GLU C 208 9.49 3.62 -17.80
N LEU C 209 9.64 3.47 -16.49
CA LEU C 209 10.61 2.54 -15.92
C LEU C 209 10.22 1.12 -16.23
N LEU C 210 8.90 0.90 -16.23
CA LEU C 210 8.32 -0.42 -16.52
C LEU C 210 8.62 -0.80 -17.96
N GLN C 211 8.29 0.10 -18.88
CA GLN C 211 8.52 -0.11 -20.30
C GLN C 211 9.99 -0.45 -20.56
N LYS C 212 10.89 0.31 -19.97
CA LYS C 212 12.31 0.05 -20.15
C LYS C 212 12.69 -1.34 -19.66
N SER C 213 11.95 -1.88 -18.69
CA SER C 213 12.25 -3.21 -18.17
C SER C 213 11.56 -4.29 -19.01
N GLY C 214 10.77 -3.85 -19.97
CA GLY C 214 10.05 -4.78 -20.83
C GLY C 214 8.74 -5.25 -20.24
N LYS C 215 8.20 -4.50 -19.30
CA LYS C 215 6.94 -4.91 -18.71
C LYS C 215 5.82 -4.00 -19.18
N LYS C 216 4.61 -4.55 -19.25
CA LYS C 216 3.46 -3.78 -19.67
C LYS C 216 3.22 -2.72 -18.60
N PRO C 217 2.86 -1.51 -19.03
CA PRO C 217 2.61 -0.43 -18.08
C PRO C 217 1.28 -0.59 -17.37
N ILE C 218 1.15 0.08 -16.24
CA ILE C 218 -0.08 0.05 -15.48
C ILE C 218 -1.02 1.03 -16.15
N ASP C 219 -2.27 0.61 -16.27
CA ASP C 219 -3.32 1.44 -16.82
C ASP C 219 -3.97 2.05 -15.59
N TRP C 220 -3.49 3.22 -15.18
CA TRP C 220 -3.98 3.92 -14.00
C TRP C 220 -5.42 4.36 -14.14
N LYS C 221 -5.96 4.28 -15.35
CA LYS C 221 -7.34 4.67 -15.60
C LYS C 221 -8.26 3.47 -15.40
N GLU C 222 -7.66 2.28 -15.48
CA GLU C 222 -8.39 1.02 -15.28
C GLU C 222 -8.78 0.81 -13.79
N LEU C 223 -9.89 1.43 -13.39
CA LEU C 223 -10.40 1.37 -12.03
C LEU C 223 -11.90 1.07 -12.02
#